data_4USO
#
_entry.id   4USO
#
_cell.length_a   121.680
_cell.length_b   121.680
_cell.length_c   144.907
_cell.angle_alpha   90.00
_cell.angle_beta   90.00
_cell.angle_gamma   120.00
#
_symmetry.space_group_name_H-M   'P 61 2 2'
#
loop_
_entity.id
_entity.type
_entity.pdbx_description
1 polymer 'CCL2 LECTIN'
2 branched 'N-acetyl-alpha-neuraminic acid-(2-3)-beta-D-galactopyranose-(1-4)-[alpha-L-fucopyranose-(1-3)]2-acetamido-2-deoxy-beta-D-glucopyranose'
3 water water
#
_entity_poly.entity_id   1
_entity_poly.type   'polypeptide(L)'
_entity_poly.pdbx_seq_one_letter_code
;MGHHHHHHHHSGDSPAVTLSAGNYIIYNRVLSPRGEKLALTYPGRQRTPVTVSPLDGSSEQAWILRSYDSNSNTWTISPV
GSPNSQIGWGAGNVPVVLPPNNYVWTLTLTSGGYNIQDGKRTVSWSLNNATAGEEVSIGADATFSGRWVIEKV
;
_entity_poly.pdbx_strand_id   A,B,C,D
#
# COMPACT_ATOMS: atom_id res chain seq x y z
N THR A 18 23.69 -22.89 4.88
CA THR A 18 23.42 -22.07 6.09
C THR A 18 24.57 -21.05 6.27
N LEU A 19 24.24 -19.86 6.62
CA LEU A 19 25.24 -18.78 6.72
C LEU A 19 26.33 -19.11 7.71
N SER A 20 27.58 -18.83 7.36
CA SER A 20 28.66 -19.02 8.28
C SER A 20 29.39 -17.68 8.52
N ALA A 21 30.12 -17.55 9.62
CA ALA A 21 30.84 -16.30 9.89
C ALA A 21 31.87 -16.07 8.77
N GLY A 22 32.12 -14.80 8.46
CA GLY A 22 33.16 -14.50 7.42
C GLY A 22 32.81 -13.14 6.81
N ASN A 23 33.39 -12.88 5.62
CA ASN A 23 33.21 -11.57 4.94
C ASN A 23 32.21 -11.62 3.79
N TYR A 24 31.29 -10.69 3.76
CA TYR A 24 30.16 -10.72 2.88
C TYR A 24 29.90 -9.36 2.25
N ILE A 25 29.24 -9.37 1.10
CA ILE A 25 28.53 -8.21 0.58
C ILE A 25 27.04 -8.47 0.87
N ILE A 26 26.30 -7.43 1.10
CA ILE A 26 24.85 -7.53 1.47
C ILE A 26 24.11 -6.55 0.53
N TYR A 27 23.29 -7.07 -0.37
CA TYR A 27 22.59 -6.18 -1.29
C TYR A 27 21.12 -6.43 -1.35
N ASN A 28 20.36 -5.45 -1.78
CA ASN A 28 18.93 -5.55 -1.73
C ASN A 28 18.36 -6.39 -2.85
N ARG A 29 17.19 -7.02 -2.64
CA ARG A 29 16.51 -7.68 -3.73
C ARG A 29 16.02 -6.72 -4.82
N VAL A 30 15.86 -5.43 -4.46
CA VAL A 30 15.34 -4.47 -5.42
C VAL A 30 16.54 -3.68 -5.98
N LEU A 31 16.68 -3.73 -7.30
CA LEU A 31 17.71 -2.98 -8.01
C LEU A 31 17.41 -1.51 -8.06
N SER A 32 18.42 -0.70 -8.30
CA SER A 32 18.17 0.71 -8.62
C SER A 32 17.38 0.83 -9.90
N PRO A 33 16.79 2.04 -10.15
CA PRO A 33 16.09 2.20 -11.40
C PRO A 33 16.87 1.87 -12.69
N ARG A 34 18.18 1.94 -12.65
CA ARG A 34 19.01 1.61 -13.77
C ARG A 34 19.49 0.16 -13.74
N GLY A 35 19.03 -0.65 -12.81
CA GLY A 35 19.37 -2.04 -12.84
C GLY A 35 20.62 -2.42 -12.05
N GLU A 36 21.09 -1.53 -11.16
CA GLU A 36 22.28 -1.85 -10.37
C GLU A 36 21.92 -2.50 -9.07
N LYS A 37 22.70 -3.50 -8.66
CA LYS A 37 22.57 -4.09 -7.36
C LYS A 37 23.00 -3.09 -6.30
N LEU A 38 22.18 -2.92 -5.27
CA LEU A 38 22.39 -1.89 -4.29
C LEU A 38 22.94 -2.50 -3.01
N ALA A 39 24.21 -2.29 -2.76
CA ALA A 39 24.92 -2.95 -1.72
C ALA A 39 25.11 -2.03 -0.50
N LEU A 40 24.96 -2.66 0.66
CA LEU A 40 25.15 -2.02 1.95
C LEU A 40 26.55 -1.40 2.01
N THR A 41 26.60 -0.11 2.36
CA THR A 41 27.80 0.70 2.19
C THR A 41 28.15 1.45 3.46
N TYR A 42 29.38 1.26 3.95
CA TYR A 42 29.88 1.96 5.11
C TYR A 42 30.13 3.42 4.77
N PRO A 43 29.61 4.40 5.56
CA PRO A 43 29.81 5.78 5.11
C PRO A 43 31.16 6.38 5.46
N GLY A 44 32.08 5.60 5.98
CA GLY A 44 33.47 6.08 6.16
C GLY A 44 33.76 6.53 7.61
N ARG A 45 32.72 6.62 8.45
CA ARG A 45 32.92 7.02 9.84
C ARG A 45 31.72 6.58 10.66
N GLN A 46 31.85 6.65 11.96
CA GLN A 46 30.82 6.16 12.86
C GLN A 46 29.68 7.15 13.03
N ARG A 47 28.56 6.64 13.56
CA ARG A 47 27.42 7.43 14.00
C ARG A 47 26.66 8.10 12.84
N THR A 48 26.94 7.64 11.64
CA THR A 48 26.42 8.19 10.41
C THR A 48 25.60 7.15 9.65
N PRO A 49 24.47 7.57 9.02
CA PRO A 49 23.64 6.52 8.44
C PRO A 49 24.34 5.64 7.41
N VAL A 50 24.06 4.35 7.50
CA VAL A 50 24.53 3.38 6.49
C VAL A 50 23.56 3.42 5.30
N THR A 51 24.11 3.41 4.10
CA THR A 51 23.38 3.56 2.87
C THR A 51 23.59 2.36 1.98
N VAL A 52 22.93 2.37 0.84
CA VAL A 52 23.24 1.44 -0.26
C VAL A 52 23.76 2.20 -1.48
N SER A 53 24.65 1.56 -2.24
CA SER A 53 25.16 2.14 -3.44
C SER A 53 25.45 1.03 -4.45
N PRO A 54 25.60 1.37 -5.73
CA PRO A 54 25.81 0.34 -6.72
C PRO A 54 26.99 -0.52 -6.38
N LEU A 55 26.79 -1.81 -6.54
CA LEU A 55 27.84 -2.76 -6.22
C LEU A 55 29.07 -2.46 -7.00
N ASP A 56 30.22 -2.27 -6.33
CA ASP A 56 31.45 -1.87 -7.02
C ASP A 56 32.74 -2.48 -6.51
N GLY A 57 32.64 -3.44 -5.62
CA GLY A 57 33.86 -4.08 -5.15
C GLY A 57 34.71 -3.30 -4.15
N SER A 58 34.24 -2.14 -3.68
CA SER A 58 35.01 -1.35 -2.76
C SER A 58 34.95 -1.96 -1.35
N SER A 59 35.94 -1.65 -0.54
CA SER A 59 36.00 -2.19 0.79
C SER A 59 34.83 -1.69 1.62
N GLU A 60 34.32 -0.52 1.28
CA GLU A 60 33.12 0.01 2.04
C GLU A 60 31.90 -0.89 1.92
N GLN A 61 31.86 -1.74 0.91
CA GLN A 61 30.80 -2.66 0.73
C GLN A 61 31.03 -4.05 1.30
N ALA A 62 32.15 -4.25 1.95
CA ALA A 62 32.51 -5.56 2.50
C ALA A 62 32.32 -5.54 4.04
N TRP A 63 31.64 -6.56 4.56
CA TRP A 63 31.20 -6.61 5.97
C TRP A 63 31.57 -7.97 6.60
N ILE A 64 31.99 -7.89 7.86
CA ILE A 64 32.37 -9.06 8.65
C ILE A 64 31.16 -9.44 9.46
N LEU A 65 30.70 -10.66 9.22
CA LEU A 65 29.58 -11.23 10.00
C LEU A 65 30.20 -12.20 11.02
N ARG A 66 29.87 -11.98 12.26
CA ARG A 66 30.31 -12.84 13.36
C ARG A 66 29.06 -13.35 14.11
N SER A 67 29.05 -14.64 14.36
CA SER A 67 27.94 -15.30 15.03
C SER A 67 27.97 -14.92 16.51
N TYR A 68 26.89 -14.30 17.01
CA TYR A 68 26.87 -13.91 18.41
C TYR A 68 26.23 -14.93 19.26
N ASP A 69 24.94 -15.15 19.06
CA ASP A 69 24.23 -16.18 19.81
C ASP A 69 23.66 -17.13 18.75
N SER A 70 24.37 -18.22 18.46
CA SER A 70 23.92 -19.08 17.31
C SER A 70 22.53 -19.72 17.51
N ASN A 71 22.12 -19.87 18.78
CA ASN A 71 20.83 -20.45 19.09
C ASN A 71 19.70 -19.49 18.84
N SER A 72 19.99 -18.20 18.77
CA SER A 72 18.98 -17.19 18.41
C SER A 72 19.20 -16.69 16.99
N ASN A 73 20.23 -17.19 16.31
CA ASN A 73 20.55 -16.71 14.98
C ASN A 73 20.85 -15.23 14.89
N THR A 74 21.61 -14.72 15.89
CA THR A 74 21.97 -13.35 15.91
C THR A 74 23.46 -13.19 15.58
N TRP A 75 23.76 -12.06 15.01
CA TRP A 75 25.10 -11.76 14.39
C TRP A 75 25.48 -10.34 14.65
N THR A 76 26.77 -10.09 14.83
CA THR A 76 27.29 -8.75 14.69
C THR A 76 27.74 -8.53 13.27
N ILE A 77 27.68 -7.28 12.83
CA ILE A 77 28.02 -6.88 11.46
C ILE A 77 28.98 -5.68 11.53
N SER A 78 30.20 -5.91 11.04
CA SER A 78 31.25 -4.92 11.16
C SER A 78 31.79 -4.52 9.76
N PRO A 79 32.14 -3.22 9.58
CA PRO A 79 32.72 -2.93 8.28
C PRO A 79 34.16 -3.49 8.22
N VAL A 80 34.56 -4.03 7.05
CA VAL A 80 35.92 -4.59 6.91
C VAL A 80 36.99 -3.58 7.20
N GLY A 81 36.72 -2.31 6.86
CA GLY A 81 37.66 -1.22 7.10
C GLY A 81 37.75 -0.78 8.56
N SER A 82 36.79 -1.14 9.42
N SER A 82 36.80 -1.13 9.43
CA SER A 82 36.83 -0.73 10.86
CA SER A 82 36.86 -0.75 10.86
C SER A 82 36.29 -1.95 11.65
C SER A 82 36.30 -1.95 11.63
N PRO A 83 37.07 -3.05 11.65
CA PRO A 83 36.54 -4.36 11.97
C PRO A 83 36.11 -4.54 13.43
N ASN A 84 36.48 -3.60 14.29
CA ASN A 84 36.08 -3.61 15.71
C ASN A 84 34.71 -2.92 15.97
N SER A 85 34.23 -2.14 15.01
N SER A 85 34.23 -2.15 15.02
CA SER A 85 32.94 -1.44 15.14
CA SER A 85 32.97 -1.45 15.16
C SER A 85 31.83 -2.33 14.70
C SER A 85 31.83 -2.31 14.70
N GLN A 86 30.62 -1.94 15.08
CA GLN A 86 29.41 -2.74 14.82
C GLN A 86 28.27 -1.88 14.35
N ILE A 87 27.45 -2.42 13.47
CA ILE A 87 26.25 -1.74 13.05
C ILE A 87 25.29 -1.77 14.21
N GLY A 88 24.87 -0.60 14.64
CA GLY A 88 23.78 -0.47 15.61
C GLY A 88 22.56 0.33 15.09
N TRP A 89 21.61 0.57 15.98
CA TRP A 89 20.33 1.15 15.57
C TRP A 89 20.40 2.63 15.83
N GLY A 90 20.36 3.45 14.77
CA GLY A 90 20.48 4.85 14.86
C GLY A 90 19.17 5.57 15.12
N ALA A 91 19.24 6.75 15.68
CA ALA A 91 18.08 7.63 15.79
C ALA A 91 17.50 7.96 14.41
N GLY A 92 16.20 8.03 14.34
CA GLY A 92 15.49 8.19 13.07
C GLY A 92 15.40 6.87 12.33
N ASN A 93 15.69 5.76 13.01
CA ASN A 93 15.51 4.44 12.47
C ASN A 93 16.28 4.18 11.19
N VAL A 94 17.60 4.35 11.29
CA VAL A 94 18.53 3.97 10.23
C VAL A 94 19.74 3.31 10.93
N PRO A 95 20.39 2.32 10.27
CA PRO A 95 21.57 1.76 10.93
C PRO A 95 22.74 2.75 10.92
N VAL A 96 23.53 2.73 11.98
CA VAL A 96 24.76 3.51 12.06
C VAL A 96 25.84 2.61 12.64
N VAL A 97 27.11 2.91 12.35
CA VAL A 97 28.20 2.11 12.90
C VAL A 97 28.70 2.77 14.19
N LEU A 98 28.91 1.94 15.19
CA LEU A 98 29.19 2.37 16.52
C LEU A 98 30.33 1.58 17.19
N PRO A 99 30.94 2.16 18.22
CA PRO A 99 31.86 1.38 19.04
C PRO A 99 31.16 0.11 19.53
N PRO A 100 31.93 -1.00 19.72
CA PRO A 100 31.18 -2.25 20.00
C PRO A 100 30.41 -2.22 21.31
N ASN A 101 29.26 -2.85 21.31
CA ASN A 101 28.47 -3.00 22.50
C ASN A 101 27.44 -4.10 22.27
N ASN A 102 27.88 -5.21 21.65
CA ASN A 102 26.99 -6.35 21.46
C ASN A 102 25.73 -5.94 20.71
N TYR A 103 25.86 -5.12 19.71
CA TYR A 103 24.74 -4.81 18.80
C TYR A 103 24.57 -5.98 17.83
N VAL A 104 23.41 -6.63 17.87
CA VAL A 104 23.21 -7.79 17.04
C VAL A 104 21.95 -7.68 16.21
N TRP A 105 21.95 -8.47 15.16
CA TRP A 105 20.83 -8.55 14.21
C TRP A 105 20.52 -10.02 13.90
N THR A 106 19.26 -10.29 13.71
CA THR A 106 18.80 -11.60 13.35
C THR A 106 18.83 -11.67 11.85
N LEU A 107 19.43 -12.72 11.31
CA LEU A 107 19.54 -12.88 9.88
C LEU A 107 18.81 -14.12 9.39
N THR A 108 17.55 -13.96 9.00
CA THR A 108 16.70 -15.10 8.73
C THR A 108 16.59 -15.34 7.22
N LEU A 109 16.91 -16.51 6.78
CA LEU A 109 16.74 -16.87 5.35
C LEU A 109 15.37 -17.38 5.06
N THR A 110 14.53 -16.49 4.58
CA THR A 110 13.21 -16.81 4.23
C THR A 110 13.17 -17.30 2.75
N SER A 111 12.04 -17.82 2.34
CA SER A 111 11.84 -18.23 0.95
C SER A 111 12.00 -17.01 -0.01
N GLY A 112 11.91 -15.78 0.53
CA GLY A 112 12.09 -14.56 -0.25
C GLY A 112 13.43 -13.87 -0.11
N GLY A 113 14.43 -14.53 0.50
CA GLY A 113 15.71 -13.95 0.78
C GLY A 113 15.88 -13.64 2.27
N TYR A 114 16.91 -12.92 2.62
CA TYR A 114 17.23 -12.63 4.03
C TYR A 114 16.38 -11.50 4.57
N ASN A 115 15.78 -11.73 5.75
CA ASN A 115 15.07 -10.74 6.52
C ASN A 115 16.06 -10.31 7.63
N ILE A 116 16.49 -9.06 7.63
CA ILE A 116 17.45 -8.60 8.59
C ILE A 116 16.64 -7.83 9.66
N GLN A 117 16.64 -8.36 10.89
CA GLN A 117 15.77 -7.84 11.96
C GLN A 117 16.57 -7.58 13.19
N ASP A 118 15.97 -6.84 14.10
CA ASP A 118 16.50 -6.74 15.46
C ASP A 118 16.48 -8.10 16.13
N GLY A 119 17.08 -8.20 17.31
CA GLY A 119 16.95 -9.43 18.15
C GLY A 119 15.60 -9.93 18.45
N LYS A 120 14.63 -9.02 18.68
CA LYS A 120 13.31 -9.39 19.00
C LYS A 120 12.34 -9.58 17.83
N ARG A 121 12.87 -9.43 16.61
CA ARG A 121 12.14 -9.59 15.40
C ARG A 121 10.93 -8.65 15.33
N THR A 122 11.12 -7.40 15.70
CA THR A 122 10.02 -6.42 15.75
C THR A 122 10.13 -5.48 14.54
N VAL A 123 11.33 -5.37 13.95
CA VAL A 123 11.56 -4.47 12.85
C VAL A 123 12.48 -5.15 11.81
N SER A 124 12.39 -4.69 10.57
CA SER A 124 13.21 -5.16 9.48
C SER A 124 13.94 -4.02 8.73
N TRP A 125 15.09 -4.33 8.16
CA TRP A 125 15.81 -3.33 7.30
C TRP A 125 15.17 -3.38 5.92
N SER A 126 14.86 -2.23 5.35
CA SER A 126 14.31 -2.19 4.00
C SER A 126 14.81 -0.92 3.32
N LEU A 127 14.43 -0.76 2.08
CA LEU A 127 14.67 0.49 1.34
C LEU A 127 13.36 1.08 0.88
N ASN A 128 13.18 2.37 1.10
CA ASN A 128 11.94 3.00 0.74
C ASN A 128 11.77 3.11 -0.77
N ASN A 129 12.77 3.61 -1.47
CA ASN A 129 12.68 3.78 -2.91
C ASN A 129 13.67 2.90 -3.72
N ALA A 130 14.64 2.30 -3.05
CA ALA A 130 15.70 1.52 -3.68
C ALA A 130 16.44 2.30 -4.73
N THR A 131 17.09 3.37 -4.27
CA THR A 131 17.90 4.21 -5.13
C THR A 131 19.35 4.28 -4.64
N ALA A 132 20.28 4.59 -5.56
CA ALA A 132 21.70 4.82 -5.19
C ALA A 132 21.87 5.91 -4.13
N GLY A 133 22.55 5.58 -3.05
CA GLY A 133 22.82 6.49 -1.98
C GLY A 133 21.74 6.57 -0.92
N GLU A 134 20.67 5.76 -1.06
CA GLU A 134 19.58 5.81 -0.08
C GLU A 134 20.01 5.27 1.27
N GLU A 135 19.54 5.87 2.35
CA GLU A 135 19.69 5.28 3.67
C GLU A 135 18.85 4.02 3.85
N VAL A 136 19.36 3.05 4.55
CA VAL A 136 18.58 1.88 4.94
C VAL A 136 17.58 2.23 6.04
N SER A 137 16.35 1.79 5.89
CA SER A 137 15.31 2.08 6.88
C SER A 137 15.14 0.90 7.81
N ILE A 138 14.94 1.17 9.10
CA ILE A 138 14.62 0.15 10.09
C ILE A 138 13.19 0.30 10.49
N GLY A 139 12.34 -0.67 10.18
CA GLY A 139 10.93 -0.56 10.50
C GLY A 139 10.12 -1.68 9.90
N ALA A 140 8.99 -1.33 9.32
CA ALA A 140 8.03 -2.31 8.80
C ALA A 140 8.69 -3.16 7.69
N ASP A 141 8.31 -4.42 7.64
CA ASP A 141 8.87 -5.34 6.63
C ASP A 141 8.27 -5.11 5.20
N ALA A 142 8.98 -4.43 4.33
CA ALA A 142 8.40 -4.08 3.06
C ALA A 142 8.55 -5.18 2.03
N THR A 143 7.54 -5.29 1.18
CA THR A 143 7.57 -6.31 0.16
C THR A 143 8.72 -6.00 -0.79
N PHE A 144 9.52 -7.04 -0.98
CA PHE A 144 10.69 -7.01 -1.85
C PHE A 144 11.84 -6.24 -1.26
N SER A 145 11.70 -4.94 -0.96
CA SER A 145 12.88 -4.17 -0.50
C SER A 145 13.25 -4.51 0.94
N GLY A 146 12.39 -5.27 1.59
CA GLY A 146 12.73 -5.79 2.90
C GLY A 146 13.49 -7.11 2.84
N ARG A 147 13.89 -7.57 1.65
CA ARG A 147 14.63 -8.79 1.54
C ARG A 147 15.98 -8.52 0.89
N TRP A 148 16.98 -9.28 1.35
CA TRP A 148 18.36 -9.08 1.06
C TRP A 148 19.05 -10.34 0.57
N VAL A 149 20.17 -10.16 -0.13
CA VAL A 149 20.99 -11.20 -0.64
C VAL A 149 22.32 -11.04 0.04
N ILE A 150 22.87 -12.14 0.57
CA ILE A 150 24.14 -12.06 1.33
C ILE A 150 25.10 -13.01 0.68
N GLU A 151 26.18 -12.52 0.12
CA GLU A 151 27.07 -13.34 -0.65
C GLU A 151 28.47 -13.17 -0.15
N LYS A 152 29.17 -14.28 -0.09
CA LYS A 152 30.50 -14.34 0.44
C LYS A 152 31.42 -13.61 -0.47
N VAL A 153 32.38 -12.90 0.09
CA VAL A 153 33.34 -12.29 -0.79
C VAL A 153 34.31 -13.41 -1.18
N LEU B 19 15.07 5.87 -25.74
CA LEU B 19 14.89 4.46 -26.21
C LEU B 19 14.79 4.45 -27.73
N SER B 20 15.68 3.73 -28.40
CA SER B 20 15.67 3.65 -29.86
C SER B 20 15.37 2.20 -30.23
N ALA B 21 14.95 1.99 -31.47
CA ALA B 21 14.59 0.65 -31.97
C ALA B 21 15.81 -0.27 -32.09
N GLY B 22 15.60 -1.56 -31.88
CA GLY B 22 16.72 -2.51 -31.82
C GLY B 22 16.39 -3.64 -30.86
N ASN B 23 17.43 -4.37 -30.48
CA ASN B 23 17.31 -5.59 -29.68
C ASN B 23 17.69 -5.36 -28.22
N TYR B 24 16.81 -5.83 -27.34
CA TYR B 24 16.89 -5.53 -25.91
C TYR B 24 16.64 -6.74 -25.06
N ILE B 25 17.21 -6.72 -23.85
CA ILE B 25 16.74 -7.57 -22.76
C ILE B 25 15.91 -6.73 -21.85
N ILE B 26 14.90 -7.35 -21.26
CA ILE B 26 13.92 -6.66 -20.42
C ILE B 26 13.84 -7.43 -19.12
N TYR B 27 14.28 -6.80 -18.05
CA TYR B 27 14.26 -7.50 -16.80
C TYR B 27 13.70 -6.69 -15.66
N ASN B 28 13.24 -7.40 -14.63
CA ASN B 28 12.50 -6.71 -13.59
C ASN B 28 13.44 -5.99 -12.67
N ARG B 29 12.94 -4.95 -11.99
CA ARG B 29 13.70 -4.36 -10.90
C ARG B 29 13.90 -5.29 -9.68
N VAL B 30 13.02 -6.27 -9.52
CA VAL B 30 13.11 -7.16 -8.36
C VAL B 30 13.83 -8.43 -8.75
N LEU B 31 14.94 -8.72 -8.08
CA LEU B 31 15.74 -9.92 -8.28
C LEU B 31 14.99 -11.15 -7.74
N SER B 32 15.40 -12.32 -8.20
CA SER B 32 14.99 -13.54 -7.56
C SER B 32 15.49 -13.60 -6.12
N PRO B 33 14.96 -14.53 -5.29
CA PRO B 33 15.48 -14.63 -3.94
C PRO B 33 17.01 -14.84 -3.83
N ARG B 34 17.62 -15.44 -4.84
CA ARG B 34 19.04 -15.69 -4.81
C ARG B 34 19.82 -14.55 -5.47
N GLY B 35 19.15 -13.46 -5.87
CA GLY B 35 19.88 -12.35 -6.42
C GLY B 35 20.06 -12.37 -7.95
N GLU B 36 19.25 -13.14 -8.68
CA GLU B 36 19.36 -13.17 -10.16
C GLU B 36 18.40 -12.17 -10.79
N LYS B 37 18.88 -11.48 -11.83
CA LYS B 37 18.04 -10.65 -12.63
C LYS B 37 17.04 -11.53 -13.37
N LEU B 38 15.78 -11.15 -13.37
CA LEU B 38 14.73 -11.94 -13.92
C LEU B 38 14.28 -11.31 -15.27
N ALA B 39 14.68 -11.94 -16.35
CA ALA B 39 14.53 -11.40 -17.73
C ALA B 39 13.37 -12.05 -18.46
N LEU B 40 12.64 -11.21 -19.15
CA LEU B 40 11.49 -11.60 -19.94
C LEU B 40 11.95 -12.67 -20.91
N THR B 41 11.21 -13.77 -20.94
CA THR B 41 11.63 -14.98 -21.64
C THR B 41 10.53 -15.50 -22.54
N TYR B 42 10.87 -15.69 -23.82
CA TYR B 42 9.97 -16.28 -24.81
C TYR B 42 9.79 -17.77 -24.52
N PRO B 43 8.54 -18.22 -24.30
CA PRO B 43 8.35 -19.65 -24.00
C PRO B 43 8.57 -20.64 -25.20
N GLY B 44 8.93 -20.16 -26.38
CA GLY B 44 9.28 -21.08 -27.48
C GLY B 44 8.17 -21.27 -28.48
N ARG B 45 6.98 -20.73 -28.19
CA ARG B 45 5.90 -20.75 -29.18
C ARG B 45 4.82 -19.77 -28.84
N GLN B 46 3.86 -19.60 -29.75
CA GLN B 46 2.85 -18.57 -29.63
C GLN B 46 1.69 -18.99 -28.76
N ARG B 47 0.90 -17.99 -28.39
CA ARG B 47 -0.34 -18.15 -27.61
C ARG B 47 -0.14 -18.67 -26.15
N THR B 48 1.09 -18.61 -25.66
CA THR B 48 1.54 -19.22 -24.39
C THR B 48 2.14 -18.15 -23.44
N PRO B 49 1.84 -18.24 -22.13
CA PRO B 49 2.31 -17.14 -21.26
C PRO B 49 3.82 -16.86 -21.26
N VAL B 50 4.14 -15.59 -21.33
CA VAL B 50 5.54 -15.17 -21.24
C VAL B 50 5.95 -15.10 -19.74
N THR B 51 7.15 -15.59 -19.44
CA THR B 51 7.63 -15.71 -18.09
C THR B 51 8.92 -14.91 -17.93
N VAL B 52 9.46 -14.90 -16.70
CA VAL B 52 10.79 -14.40 -16.46
C VAL B 52 11.67 -15.53 -16.00
N SER B 53 12.95 -15.47 -16.30
CA SER B 53 13.91 -16.44 -15.86
C SER B 53 15.27 -15.74 -15.68
N PRO B 54 16.18 -16.34 -14.92
CA PRO B 54 17.47 -15.69 -14.67
C PRO B 54 18.19 -15.31 -15.92
N LEU B 55 18.74 -14.11 -15.93
CA LEU B 55 19.42 -13.59 -17.09
C LEU B 55 20.53 -14.53 -17.45
N ASP B 56 20.54 -14.96 -18.72
CA ASP B 56 21.52 -15.96 -19.12
C ASP B 56 22.06 -15.78 -20.50
N GLY B 57 21.64 -14.74 -21.22
CA GLY B 57 22.18 -14.49 -22.56
C GLY B 57 21.56 -15.32 -23.68
N SER B 58 20.52 -16.09 -23.40
CA SER B 58 19.90 -16.89 -24.42
C SER B 58 19.02 -16.05 -25.36
N SER B 59 18.81 -16.54 -26.58
CA SER B 59 18.04 -15.77 -27.57
C SER B 59 16.60 -15.63 -27.15
N GLU B 60 16.12 -16.54 -26.31
CA GLU B 60 14.75 -16.44 -25.78
C GLU B 60 14.55 -15.19 -24.92
N GLN B 61 15.65 -14.60 -24.49
CA GLN B 61 15.59 -13.39 -23.63
C GLN B 61 15.81 -12.12 -24.43
N ALA B 62 15.93 -12.25 -25.75
CA ALA B 62 16.21 -11.11 -26.60
C ALA B 62 14.92 -10.72 -27.33
N TRP B 63 14.63 -9.43 -27.31
CA TRP B 63 13.41 -8.89 -27.85
C TRP B 63 13.67 -7.71 -28.80
N ILE B 64 12.88 -7.65 -29.87
CA ILE B 64 12.96 -6.57 -30.85
C ILE B 64 11.91 -5.53 -30.55
N LEU B 65 12.37 -4.31 -30.30
CA LEU B 65 11.46 -3.18 -30.03
C LEU B 65 11.39 -2.34 -31.30
N ARG B 66 10.18 -2.09 -31.77
CA ARG B 66 9.95 -1.24 -32.94
C ARG B 66 8.96 -0.15 -32.56
N SER B 67 9.33 1.08 -32.84
CA SER B 67 8.49 2.23 -32.49
C SER B 67 7.24 2.12 -33.31
N TYR B 68 6.09 2.36 -32.71
CA TYR B 68 4.84 2.32 -33.44
C TYR B 68 4.22 3.70 -33.58
N ASP B 69 4.04 4.38 -32.46
CA ASP B 69 3.47 5.71 -32.44
C ASP B 69 4.35 6.48 -31.47
N SER B 70 5.39 7.13 -31.99
CA SER B 70 6.31 7.83 -31.10
C SER B 70 5.61 8.99 -30.35
N ASN B 71 4.45 9.48 -30.85
CA ASN B 71 3.68 10.53 -30.14
C ASN B 71 2.95 10.03 -28.87
N SER B 72 2.62 8.73 -28.83
CA SER B 72 2.02 8.10 -27.65
C SER B 72 3.05 7.17 -26.95
N ASN B 73 4.28 7.13 -27.45
CA ASN B 73 5.31 6.35 -26.85
C ASN B 73 4.98 4.85 -26.82
N THR B 74 4.44 4.37 -27.94
CA THR B 74 4.05 2.98 -28.04
C THR B 74 5.01 2.22 -28.97
N TRP B 75 5.14 0.93 -28.68
CA TRP B 75 6.13 0.02 -29.28
C TRP B 75 5.56 -1.36 -29.45
N THR B 76 6.01 -2.07 -30.46
CA THR B 76 5.73 -3.50 -30.57
C THR B 76 6.94 -4.20 -30.03
N ILE B 77 6.73 -5.37 -29.47
CA ILE B 77 7.79 -6.18 -28.86
C ILE B 77 7.71 -7.58 -29.43
N SER B 78 8.80 -8.01 -30.06
CA SER B 78 8.82 -9.28 -30.76
C SER B 78 9.99 -10.14 -30.33
N PRO B 79 9.78 -11.46 -30.13
CA PRO B 79 10.97 -12.26 -29.83
C PRO B 79 11.89 -12.36 -31.01
N VAL B 80 13.19 -12.40 -30.75
CA VAL B 80 14.10 -12.59 -31.88
C VAL B 80 13.88 -13.96 -32.55
N GLY B 81 13.43 -14.96 -31.79
CA GLY B 81 13.13 -16.28 -32.34
C GLY B 81 11.87 -16.41 -33.17
N SER B 82 11.15 -15.30 -33.35
CA SER B 82 9.97 -15.26 -34.22
C SER B 82 9.67 -13.79 -34.48
N PRO B 83 10.55 -13.13 -35.24
CA PRO B 83 10.60 -11.67 -35.22
C PRO B 83 9.39 -10.93 -35.80
N ASN B 84 8.47 -11.63 -36.45
CA ASN B 84 7.27 -10.94 -36.91
C ASN B 84 6.10 -11.06 -35.98
N SER B 85 6.22 -11.92 -34.97
CA SER B 85 5.19 -12.06 -33.96
C SER B 85 5.35 -10.95 -32.91
N GLN B 86 4.28 -10.69 -32.17
CA GLN B 86 4.24 -9.58 -31.22
C GLN B 86 3.66 -10.05 -29.89
N ILE B 87 4.16 -9.45 -28.80
CA ILE B 87 3.58 -9.71 -27.51
C ILE B 87 2.25 -9.01 -27.44
N GLY B 88 1.22 -9.78 -27.11
CA GLY B 88 -0.12 -9.25 -26.91
C GLY B 88 -0.68 -9.60 -25.54
N TRP B 89 -1.89 -9.15 -25.29
CA TRP B 89 -2.51 -9.30 -23.99
C TRP B 89 -3.28 -10.62 -23.95
N GLY B 90 -2.80 -11.59 -23.19
CA GLY B 90 -3.43 -12.90 -23.13
C GLY B 90 -4.60 -12.93 -22.16
N ALA B 91 -5.51 -13.86 -22.40
CA ALA B 91 -6.56 -14.15 -21.44
C ALA B 91 -5.96 -14.58 -20.10
N GLY B 92 -6.63 -14.19 -19.03
CA GLY B 92 -6.11 -14.39 -17.68
C GLY B 92 -5.04 -13.37 -17.34
N ASN B 93 -4.94 -12.31 -18.16
CA ASN B 93 -4.07 -11.18 -17.89
C ASN B 93 -2.57 -11.51 -17.73
N VAL B 94 -2.05 -12.18 -18.77
CA VAL B 94 -0.61 -12.45 -18.88
C VAL B 94 -0.24 -12.16 -20.30
N PRO B 95 1.03 -11.77 -20.54
CA PRO B 95 1.37 -11.56 -21.98
C PRO B 95 1.61 -12.86 -22.73
N VAL B 96 1.25 -12.86 -24.02
CA VAL B 96 1.48 -14.02 -24.88
C VAL B 96 1.96 -13.51 -26.22
N VAL B 97 2.71 -14.31 -26.93
CA VAL B 97 3.17 -13.93 -28.26
C VAL B 97 2.16 -14.41 -29.36
N LEU B 98 1.82 -13.50 -30.27
CA LEU B 98 0.72 -13.70 -31.24
C LEU B 98 1.11 -13.34 -32.66
N PRO B 99 0.38 -13.88 -33.69
CA PRO B 99 0.55 -13.34 -35.02
C PRO B 99 0.31 -11.83 -35.05
N PRO B 100 1.07 -11.08 -35.87
CA PRO B 100 1.01 -9.62 -35.68
C PRO B 100 -0.37 -9.03 -35.90
N ASN B 101 -0.69 -7.98 -35.16
CA ASN B 101 -1.92 -7.26 -35.33
C ASN B 101 -1.87 -5.89 -34.65
N ASN B 102 -0.73 -5.21 -34.80
CA ASN B 102 -0.54 -3.92 -34.16
C ASN B 102 -0.80 -4.00 -32.63
N TYR B 103 -0.29 -5.04 -31.98
CA TYR B 103 -0.28 -5.08 -30.48
C TYR B 103 0.83 -4.21 -30.01
N VAL B 104 0.47 -3.18 -29.25
CA VAL B 104 1.48 -2.22 -28.80
C VAL B 104 1.41 -2.02 -27.30
N TRP B 105 2.53 -1.56 -26.76
CA TRP B 105 2.70 -1.27 -25.34
C TRP B 105 3.36 0.07 -25.19
N THR B 106 2.90 0.79 -24.16
CA THR B 106 3.50 2.05 -23.83
C THR B 106 4.69 1.74 -22.93
N LEU B 107 5.86 2.31 -23.28
CA LEU B 107 7.07 2.12 -22.50
C LEU B 107 7.48 3.45 -21.88
N THR B 108 6.99 3.75 -20.70
CA THR B 108 7.24 5.07 -20.08
C THR B 108 8.40 5.02 -19.10
N LEU B 109 9.42 5.85 -19.32
CA LEU B 109 10.52 5.88 -18.40
C LEU B 109 10.17 6.78 -17.25
N THR B 110 10.00 6.19 -16.05
CA THR B 110 9.73 6.94 -14.83
C THR B 110 10.95 7.05 -14.00
N SER B 111 10.90 7.85 -12.93
CA SER B 111 12.02 7.95 -12.02
C SER B 111 12.32 6.56 -11.37
N GLY B 112 11.35 5.65 -11.36
CA GLY B 112 11.50 4.29 -10.85
C GLY B 112 11.85 3.22 -11.87
N GLY B 113 12.16 3.61 -13.13
CA GLY B 113 12.36 2.64 -14.21
C GLY B 113 11.17 2.63 -15.18
N TYR B 114 11.15 1.62 -16.04
CA TYR B 114 10.10 1.57 -17.10
C TYR B 114 8.83 1.03 -16.53
N ASN B 115 7.75 1.74 -16.81
CA ASN B 115 6.39 1.26 -16.61
C ASN B 115 5.89 0.75 -17.97
N ILE B 116 5.62 -0.54 -18.05
CA ILE B 116 5.17 -1.15 -19.30
C ILE B 116 3.66 -1.30 -19.19
N GLN B 117 2.95 -0.54 -20.01
CA GLN B 117 1.50 -0.50 -19.94
C GLN B 117 0.86 -0.76 -21.31
N ASP B 118 -0.44 -1.00 -21.27
CA ASP B 118 -1.23 -1.07 -22.54
C ASP B 118 -1.21 0.28 -23.21
N GLY B 119 -1.71 0.31 -24.44
CA GLY B 119 -1.82 1.54 -25.20
C GLY B 119 -2.67 2.56 -24.47
N LYS B 120 -3.70 2.11 -23.74
CA LYS B 120 -4.60 3.04 -23.03
C LYS B 120 -4.09 3.44 -21.65
N ARG B 121 -2.95 2.89 -21.24
CA ARG B 121 -2.37 3.20 -19.94
C ARG B 121 -3.34 2.94 -18.80
N THR B 122 -3.95 1.76 -18.80
CA THR B 122 -4.83 1.33 -17.72
C THR B 122 -4.26 0.20 -16.87
N VAL B 123 -3.27 -0.52 -17.40
CA VAL B 123 -2.68 -1.65 -16.70
C VAL B 123 -1.19 -1.66 -16.92
N SER B 124 -0.48 -2.33 -16.01
CA SER B 124 0.99 -2.44 -16.05
C SER B 124 1.42 -3.91 -15.97
N TRP B 125 2.57 -4.22 -16.54
CA TRP B 125 3.16 -5.51 -16.31
C TRP B 125 3.89 -5.51 -14.95
N SER B 126 3.76 -6.60 -14.20
CA SER B 126 4.51 -6.74 -12.93
C SER B 126 4.73 -8.21 -12.66
N LEU B 127 5.42 -8.48 -11.57
CA LEU B 127 5.61 -9.81 -11.07
C LEU B 127 5.06 -9.94 -9.66
N ASN B 128 4.33 -11.04 -9.39
CA ASN B 128 3.71 -11.18 -8.07
C ASN B 128 4.71 -11.52 -6.98
N ASN B 129 5.55 -12.52 -7.24
CA ASN B 129 6.55 -12.93 -6.25
C ASN B 129 7.98 -12.72 -6.68
N ALA B 130 8.20 -12.43 -7.97
CA ALA B 130 9.53 -12.25 -8.53
C ALA B 130 10.39 -13.45 -8.30
N THR B 131 9.92 -14.59 -8.84
CA THR B 131 10.70 -15.83 -8.82
C THR B 131 10.98 -16.41 -10.23
N ALA B 132 12.04 -17.21 -10.34
CA ALA B 132 12.42 -17.83 -11.60
C ALA B 132 11.22 -18.62 -12.14
N GLY B 133 10.87 -18.35 -13.37
CA GLY B 133 9.81 -19.09 -14.07
C GLY B 133 8.43 -18.50 -13.89
N GLU B 134 8.31 -17.40 -13.16
CA GLU B 134 6.98 -16.80 -12.95
C GLU B 134 6.38 -16.17 -14.21
N GLU B 135 5.05 -16.28 -14.40
CA GLU B 135 4.37 -15.58 -15.48
C GLU B 135 4.29 -14.12 -15.17
N VAL B 136 4.47 -13.28 -16.17
CA VAL B 136 4.25 -11.83 -16.00
C VAL B 136 2.77 -11.51 -15.86
N SER B 137 2.43 -10.64 -14.91
CA SER B 137 1.04 -10.26 -14.65
C SER B 137 0.72 -8.96 -15.30
N ILE B 138 -0.48 -8.86 -15.88
CA ILE B 138 -0.94 -7.60 -16.46
C ILE B 138 -2.05 -7.11 -15.55
N GLY B 139 -1.85 -5.97 -14.91
CA GLY B 139 -2.88 -5.42 -14.07
C GLY B 139 -2.40 -4.22 -13.28
N ALA B 140 -2.70 -4.21 -11.99
CA ALA B 140 -2.33 -3.09 -11.13
C ALA B 140 -0.84 -2.89 -11.10
N ASP B 141 -0.46 -1.64 -10.97
CA ASP B 141 0.96 -1.25 -10.93
C ASP B 141 1.61 -1.49 -9.57
N ALA B 142 2.50 -2.47 -9.44
CA ALA B 142 3.04 -2.81 -8.12
C ALA B 142 4.36 -2.06 -7.84
N THR B 143 4.53 -1.64 -6.60
CA THR B 143 5.75 -0.99 -6.22
C THR B 143 6.88 -2.02 -6.43
N PHE B 144 7.88 -1.53 -7.12
CA PHE B 144 9.05 -2.26 -7.46
C PHE B 144 8.85 -3.25 -8.59
N SER B 145 8.06 -4.31 -8.40
CA SER B 145 7.97 -5.36 -9.40
C SER B 145 7.19 -4.90 -10.63
N GLY B 146 6.57 -3.73 -10.54
CA GLY B 146 5.94 -3.11 -11.72
C GLY B 146 6.87 -2.21 -12.47
N ARG B 147 8.19 -2.26 -12.16
CA ARG B 147 9.13 -1.47 -12.89
C ARG B 147 10.21 -2.37 -13.51
N TRP B 148 10.68 -1.97 -14.69
CA TRP B 148 11.53 -2.78 -15.52
C TRP B 148 12.74 -2.02 -16.01
N VAL B 149 13.76 -2.78 -16.34
CA VAL B 149 14.99 -2.25 -16.87
C VAL B 149 15.09 -2.77 -18.32
N ILE B 150 15.35 -1.88 -19.25
CA ILE B 150 15.42 -2.25 -20.70
C ILE B 150 16.79 -1.91 -21.24
N GLU B 151 17.60 -2.91 -21.55
CA GLU B 151 19.01 -2.67 -21.93
C GLU B 151 19.23 -3.22 -23.29
N LYS B 152 19.99 -2.49 -24.11
CA LYS B 152 20.32 -2.93 -25.44
C LYS B 152 21.12 -4.20 -25.31
N VAL B 153 20.98 -5.09 -26.26
CA VAL B 153 21.82 -6.27 -26.25
C VAL B 153 22.43 -6.56 -27.63
N ALA C 21 -33.14 -11.28 -0.30
CA ALA C 21 -32.04 -12.14 -0.84
C ALA C 21 -31.54 -11.55 -2.15
N GLY C 22 -30.27 -11.74 -2.47
CA GLY C 22 -29.70 -11.20 -3.72
C GLY C 22 -28.22 -10.94 -3.53
N ASN C 23 -27.65 -10.18 -4.48
CA ASN C 23 -26.22 -9.84 -4.49
C ASN C 23 -25.95 -8.45 -3.96
N TYR C 24 -25.00 -8.38 -3.03
CA TYR C 24 -24.72 -7.19 -2.28
C TYR C 24 -23.23 -6.93 -2.14
N ILE C 25 -22.88 -5.67 -2.03
CA ILE C 25 -21.57 -5.28 -1.49
C ILE C 25 -21.84 -4.89 -0.04
N ILE C 26 -20.82 -5.07 0.78
CA ILE C 26 -20.91 -4.82 2.19
C ILE C 26 -19.69 -4.03 2.53
N TYR C 27 -19.88 -2.79 2.95
CA TYR C 27 -18.74 -1.96 3.26
C TYR C 27 -18.91 -1.22 4.58
N ASN C 28 -17.79 -0.81 5.15
CA ASN C 28 -17.83 -0.29 6.51
C ASN C 28 -18.30 1.13 6.51
N ARG C 29 -18.87 1.58 7.62
CA ARG C 29 -19.14 3.03 7.79
C ARG C 29 -17.87 3.87 7.85
N VAL C 30 -16.74 3.27 8.22
CA VAL C 30 -15.51 4.03 8.34
C VAL C 30 -14.67 3.84 7.09
N LEU C 31 -14.32 4.94 6.47
CA LEU C 31 -13.46 4.94 5.29
C LEU C 31 -12.00 4.71 5.65
N SER C 32 -11.22 4.28 4.66
CA SER C 32 -9.77 4.25 4.81
C SER C 32 -9.26 5.67 5.09
N PRO C 33 -8.02 5.79 5.59
CA PRO C 33 -7.49 7.12 5.83
C PRO C 33 -7.48 8.05 4.63
N ARG C 34 -7.47 7.51 3.43
CA ARG C 34 -7.56 8.37 2.25
C ARG C 34 -8.96 8.40 1.61
N GLY C 35 -9.97 7.93 2.33
CA GLY C 35 -11.34 8.18 1.93
C GLY C 35 -11.95 7.13 1.06
N GLU C 36 -11.35 5.95 1.02
CA GLU C 36 -11.90 4.86 0.22
C GLU C 36 -12.88 4.03 1.04
N LYS C 37 -14.00 3.65 0.43
CA LYS C 37 -14.93 2.76 1.05
C LYS C 37 -14.29 1.39 1.11
N LEU C 38 -14.42 0.74 2.26
CA LEU C 38 -13.76 -0.48 2.54
C LEU C 38 -14.77 -1.61 2.49
N ALA C 39 -14.68 -2.41 1.43
CA ALA C 39 -15.68 -3.42 1.12
C ALA C 39 -15.14 -4.81 1.48
N LEU C 40 -16.05 -5.62 2.01
CA LEU C 40 -15.79 -6.96 2.36
C LEU C 40 -15.27 -7.68 1.11
N THR C 41 -14.15 -8.41 1.26
CA THR C 41 -13.43 -8.97 0.13
C THR C 41 -13.08 -10.44 0.36
N TYR C 42 -13.47 -11.29 -0.58
CA TYR C 42 -13.16 -12.72 -0.54
C TYR C 42 -11.68 -12.92 -0.81
N PRO C 43 -10.94 -13.64 0.06
CA PRO C 43 -9.52 -13.76 -0.21
C PRO C 43 -9.15 -14.75 -1.31
N GLY C 44 -10.13 -15.39 -1.94
CA GLY C 44 -9.82 -16.24 -3.12
C GLY C 44 -9.79 -17.73 -2.82
N ARG C 45 -9.87 -18.09 -1.54
CA ARG C 45 -9.97 -19.48 -1.15
C ARG C 45 -10.63 -19.61 0.20
N GLN C 46 -10.99 -20.84 0.57
CA GLN C 46 -11.65 -21.05 1.85
C GLN C 46 -10.64 -21.05 3.04
N ARG C 47 -11.21 -20.94 4.24
CA ARG C 47 -10.51 -21.17 5.53
C ARG C 47 -9.48 -20.08 5.79
N THR C 48 -9.60 -18.99 5.06
CA THR C 48 -8.67 -17.88 5.06
C THR C 48 -9.35 -16.57 5.46
N PRO C 49 -8.70 -15.73 6.29
CA PRO C 49 -9.43 -14.57 6.78
C PRO C 49 -10.02 -13.65 5.69
N VAL C 50 -11.25 -13.26 5.92
CA VAL C 50 -11.90 -12.22 5.04
C VAL C 50 -11.44 -10.84 5.44
N THR C 51 -11.12 -10.03 4.45
CA THR C 51 -10.58 -8.71 4.67
C THR C 51 -11.51 -7.62 4.09
N VAL C 52 -11.11 -6.37 4.23
CA VAL C 52 -11.75 -5.29 3.48
C VAL C 52 -10.73 -4.64 2.58
N SER C 53 -11.19 -4.14 1.43
CA SER C 53 -10.31 -3.45 0.50
C SER C 53 -11.12 -2.38 -0.23
N PRO C 54 -10.43 -1.36 -0.78
CA PRO C 54 -11.15 -0.26 -1.44
C PRO C 54 -12.15 -0.75 -2.47
N LEU C 55 -13.33 -0.18 -2.41
CA LEU C 55 -14.43 -0.58 -3.28
C LEU C 55 -13.98 -0.45 -4.72
N ASP C 56 -14.13 -1.52 -5.50
CA ASP C 56 -13.66 -1.51 -6.89
C ASP C 56 -14.51 -2.32 -7.86
N GLY C 57 -15.64 -2.86 -7.42
CA GLY C 57 -16.54 -3.56 -8.33
C GLY C 57 -16.05 -4.92 -8.75
N SER C 58 -15.00 -5.45 -8.13
CA SER C 58 -14.50 -6.78 -8.44
C SER C 58 -15.43 -7.85 -7.84
N SER C 59 -15.43 -9.02 -8.43
CA SER C 59 -16.38 -10.05 -8.00
C SER C 59 -16.02 -10.54 -6.61
N GLU C 60 -14.76 -10.37 -6.20
CA GLU C 60 -14.35 -10.72 -4.82
C GLU C 60 -15.09 -9.87 -3.76
N GLN C 61 -15.68 -8.74 -4.19
CA GLN C 61 -16.45 -7.85 -3.30
C GLN C 61 -17.94 -8.05 -3.40
N ALA C 62 -18.37 -9.06 -4.16
CA ALA C 62 -19.79 -9.34 -4.34
C ALA C 62 -20.19 -10.58 -3.54
N TRP C 63 -21.28 -10.45 -2.79
CA TRP C 63 -21.71 -11.46 -1.84
C TRP C 63 -23.16 -11.79 -2.03
N ILE C 64 -23.49 -13.06 -1.85
CA ILE C 64 -24.85 -13.54 -2.00
C ILE C 64 -25.41 -13.67 -0.61
N LEU C 65 -26.48 -12.93 -0.36
CA LEU C 65 -27.18 -13.00 0.91
C LEU C 65 -28.41 -13.88 0.71
N ARG C 66 -28.56 -14.90 1.56
CA ARG C 66 -29.72 -15.76 1.53
C ARG C 66 -30.34 -15.81 2.91
N SER C 67 -31.65 -15.57 2.95
CA SER C 67 -32.38 -15.58 4.21
C SER C 67 -32.33 -16.98 4.74
N TYR C 68 -32.25 -17.12 6.06
CA TYR C 68 -32.32 -18.43 6.66
C TYR C 68 -33.45 -18.56 7.73
N ASP C 69 -33.73 -17.52 8.51
CA ASP C 69 -34.83 -17.55 9.52
C ASP C 69 -35.15 -16.13 10.06
N SER C 72 -35.94 -14.93 13.35
CA SER C 72 -34.61 -14.68 13.99
C SER C 72 -33.75 -13.59 13.33
N ASN C 73 -34.10 -13.23 12.11
CA ASN C 73 -33.29 -12.31 11.31
C ASN C 73 -31.85 -12.80 11.03
N THR C 74 -31.73 -14.02 10.56
CA THR C 74 -30.44 -14.57 10.23
C THR C 74 -30.32 -14.88 8.74
N TRP C 75 -29.07 -14.81 8.27
CA TRP C 75 -28.72 -14.91 6.85
C TRP C 75 -27.41 -15.72 6.66
N THR C 76 -27.25 -16.40 5.54
CA THR C 76 -25.96 -16.94 5.15
C THR C 76 -25.41 -15.93 4.16
N ILE C 77 -24.09 -15.85 4.11
CA ILE C 77 -23.39 -14.93 3.23
C ILE C 77 -22.36 -15.72 2.44
N SER C 78 -22.45 -15.71 1.11
CA SER C 78 -21.61 -16.52 0.25
C SER C 78 -20.88 -15.67 -0.81
N PRO C 79 -19.58 -15.94 -1.05
CA PRO C 79 -18.95 -15.16 -2.15
C PRO C 79 -19.47 -15.58 -3.51
N VAL C 80 -19.61 -14.64 -4.44
CA VAL C 80 -20.09 -15.04 -5.79
C VAL C 80 -19.10 -15.96 -6.47
N GLY C 81 -17.81 -15.83 -6.13
CA GLY C 81 -16.77 -16.71 -6.65
C GLY C 81 -16.72 -18.12 -6.08
N SER C 82 -17.64 -18.44 -5.17
CA SER C 82 -17.77 -19.81 -4.63
C SER C 82 -19.13 -19.89 -3.94
N PRO C 83 -20.20 -19.88 -4.74
CA PRO C 83 -21.50 -19.47 -4.19
C PRO C 83 -22.16 -20.43 -3.24
N ASN C 84 -21.63 -21.62 -3.10
CA ASN C 84 -22.18 -22.51 -2.10
C ASN C 84 -21.46 -22.45 -0.76
N SER C 85 -20.32 -21.76 -0.71
CA SER C 85 -19.59 -21.60 0.56
C SER C 85 -20.22 -20.49 1.36
N GLN C 86 -19.94 -20.47 2.64
CA GLN C 86 -20.53 -19.53 3.56
C GLN C 86 -19.47 -18.93 4.46
N ILE C 87 -19.66 -17.67 4.82
CA ILE C 87 -18.82 -17.05 5.83
C ILE C 87 -19.14 -17.63 7.19
N GLY C 88 -18.10 -18.14 7.84
CA GLY C 88 -18.16 -18.67 9.21
C GLY C 88 -17.18 -17.97 10.17
N TRP C 89 -17.18 -18.38 11.42
CA TRP C 89 -16.40 -17.78 12.45
C TRP C 89 -15.01 -18.49 12.55
N GLY C 90 -13.94 -17.80 12.16
CA GLY C 90 -12.62 -18.42 12.15
C GLY C 90 -11.89 -18.33 13.48
N ALA C 91 -10.94 -19.23 13.68
CA ALA C 91 -10.02 -19.09 14.79
C ALA C 91 -9.33 -17.72 14.77
N GLY C 92 -9.08 -17.16 15.95
CA GLY C 92 -8.51 -15.83 16.06
C GLY C 92 -9.55 -14.76 15.82
N ASN C 93 -10.82 -15.15 15.83
CA ASN C 93 -11.92 -14.22 15.72
C ASN C 93 -11.93 -13.31 14.50
N VAL C 94 -11.92 -13.96 13.34
CA VAL C 94 -12.02 -13.29 12.06
C VAL C 94 -12.91 -14.17 11.21
N PRO C 95 -13.65 -13.57 10.25
CA PRO C 95 -14.47 -14.44 9.44
C PRO C 95 -13.62 -15.19 8.41
N VAL C 96 -14.04 -16.40 8.11
CA VAL C 96 -13.44 -17.18 7.03
C VAL C 96 -14.56 -17.86 6.22
N VAL C 97 -14.30 -18.17 4.97
CA VAL C 97 -15.29 -18.86 4.13
C VAL C 97 -15.10 -20.36 4.24
N LEU C 98 -16.19 -21.07 4.49
CA LEU C 98 -16.16 -22.47 4.77
C LEU C 98 -17.10 -23.27 3.89
N PRO C 99 -16.85 -24.59 3.73
CA PRO C 99 -17.87 -25.43 3.13
C PRO C 99 -19.19 -25.20 3.89
N PRO C 100 -20.35 -25.26 3.21
CA PRO C 100 -21.58 -24.92 3.93
C PRO C 100 -21.90 -25.82 5.14
N ASN C 101 -22.44 -25.21 6.17
CA ASN C 101 -22.89 -25.94 7.32
C ASN C 101 -23.83 -25.05 8.16
N ASN C 102 -24.70 -24.31 7.49
CA ASN C 102 -25.64 -23.43 8.20
C ASN C 102 -24.92 -22.42 9.10
N TYR C 103 -23.86 -21.81 8.60
CA TYR C 103 -23.24 -20.69 9.31
C TYR C 103 -24.07 -19.47 8.99
N VAL C 104 -24.61 -18.87 10.04
CA VAL C 104 -25.48 -17.71 9.84
C VAL C 104 -25.07 -16.55 10.71
N TRP C 105 -25.51 -15.36 10.25
CA TRP C 105 -25.26 -14.10 10.93
C TRP C 105 -26.57 -13.32 11.05
N THR C 106 -26.69 -12.64 12.18
CA THR C 106 -27.81 -11.74 12.42
C THR C 106 -27.45 -10.42 11.83
N LEU C 107 -28.33 -9.90 10.98
CA LEU C 107 -28.11 -8.61 10.33
C LEU C 107 -29.13 -7.56 10.86
N THR C 108 -28.82 -6.95 12.01
CA THR C 108 -29.76 -6.04 12.67
C THR C 108 -29.54 -4.64 12.13
N LEU C 109 -30.58 -4.02 11.61
CA LEU C 109 -30.47 -2.63 11.20
C LEU C 109 -30.74 -1.71 12.38
N THR C 110 -29.72 -0.94 12.77
CA THR C 110 -29.84 0.09 13.80
C THR C 110 -29.89 1.49 13.20
N SER C 111 -30.14 2.49 14.05
CA SER C 111 -30.07 3.91 13.64
C SER C 111 -28.70 4.26 13.07
N GLY C 112 -27.68 3.49 13.46
CA GLY C 112 -26.32 3.70 12.99
C GLY C 112 -25.85 2.83 11.84
N GLY C 113 -26.75 2.07 11.23
CA GLY C 113 -26.38 1.12 10.16
C GLY C 113 -26.48 -0.30 10.64
N TYR C 114 -25.89 -1.23 9.87
CA TYR C 114 -26.04 -2.66 10.18
C TYR C 114 -25.08 -3.11 11.23
N ASN C 115 -25.60 -3.81 12.26
CA ASN C 115 -24.82 -4.53 13.24
C ASN C 115 -24.80 -6.01 12.83
N ILE C 116 -23.63 -6.52 12.45
CA ILE C 116 -23.50 -7.91 11.96
C ILE C 116 -23.00 -8.74 13.13
N GLN C 117 -23.84 -9.65 13.62
CA GLN C 117 -23.51 -10.43 14.81
C GLN C 117 -23.72 -11.90 14.53
N ASP C 118 -23.27 -12.72 15.49
CA ASP C 118 -23.53 -14.15 15.45
C ASP C 118 -25.02 -14.38 15.73
N GLY C 119 -25.46 -15.62 15.51
CA GLY C 119 -26.84 -16.01 15.75
C GLY C 119 -27.26 -15.77 17.17
N LYS C 120 -26.34 -15.97 18.12
CA LYS C 120 -26.67 -15.79 19.55
C LYS C 120 -26.42 -14.33 20.03
N ARG C 121 -26.05 -13.42 19.11
CA ARG C 121 -25.89 -11.96 19.39
C ARG C 121 -24.97 -11.71 20.59
N THR C 122 -23.82 -12.37 20.57
CA THR C 122 -22.80 -12.21 21.60
C THR C 122 -21.62 -11.37 21.08
N VAL C 123 -21.45 -11.31 19.77
CA VAL C 123 -20.31 -10.61 19.17
C VAL C 123 -20.74 -9.89 17.90
N SER C 124 -19.92 -8.90 17.47
CA SER C 124 -20.14 -8.11 16.25
C SER C 124 -18.91 -8.05 15.33
N TRP C 125 -19.12 -7.84 14.04
CA TRP C 125 -18.02 -7.56 13.12
C TRP C 125 -17.65 -6.12 13.20
N SER C 126 -16.36 -5.84 13.21
CA SER C 126 -15.92 -4.46 13.16
C SER C 126 -14.54 -4.42 12.53
N LEU C 127 -14.00 -3.22 12.40
CA LEU C 127 -12.65 -3.03 11.94
C LEU C 127 -11.89 -2.30 13.00
N ASN C 128 -10.67 -2.76 13.30
CA ASN C 128 -9.89 -2.11 14.34
C ASN C 128 -9.39 -0.77 13.94
N ASN C 129 -8.79 -0.68 12.76
CA ASN C 129 -8.21 0.58 12.30
C ASN C 129 -8.85 1.14 11.01
N ALA C 130 -9.67 0.32 10.35
CA ALA C 130 -10.32 0.66 9.10
C ALA C 130 -9.29 1.06 8.04
N THR C 131 -8.42 0.09 7.70
CA THR C 131 -7.42 0.30 6.66
C THR C 131 -7.54 -0.72 5.56
N ALA C 132 -7.06 -0.37 4.37
CA ALA C 132 -7.06 -1.30 3.24
C ALA C 132 -6.32 -2.61 3.59
N GLY C 133 -6.98 -3.73 3.30
CA GLY C 133 -6.39 -5.03 3.49
C GLY C 133 -6.59 -5.55 4.91
N GLU C 134 -7.24 -4.80 5.80
CA GLU C 134 -7.42 -5.22 7.20
C GLU C 134 -8.36 -6.40 7.29
N GLU C 135 -8.05 -7.36 8.17
CA GLU C 135 -8.98 -8.43 8.49
C GLU C 135 -10.17 -7.90 9.27
N VAL C 136 -11.35 -8.44 9.02
CA VAL C 136 -12.51 -8.12 9.82
C VAL C 136 -12.41 -8.78 11.21
N SER C 137 -12.74 -8.05 12.25
CA SER C 137 -12.66 -8.60 13.61
C SER C 137 -14.05 -9.04 14.06
N ILE C 138 -14.09 -10.15 14.78
CA ILE C 138 -15.32 -10.62 15.44
C ILE C 138 -15.19 -10.48 16.95
N GLY C 139 -16.01 -9.61 17.57
CA GLY C 139 -15.90 -9.38 18.98
C GLY C 139 -16.77 -8.21 19.46
N ALA C 140 -16.14 -7.30 20.21
CA ALA C 140 -16.84 -6.15 20.78
C ALA C 140 -17.41 -5.25 19.70
N ASP C 141 -18.55 -4.67 20.02
CA ASP C 141 -19.22 -3.78 19.09
C ASP C 141 -18.59 -2.37 19.09
N ALA C 142 -17.84 -2.01 18.05
CA ALA C 142 -17.11 -0.74 18.09
C ALA C 142 -17.90 0.41 17.51
N THR C 143 -17.78 1.58 18.13
CA THR C 143 -18.46 2.74 17.62
C THR C 143 -17.92 3.00 16.23
N PHE C 144 -18.87 3.18 15.31
CA PHE C 144 -18.63 3.47 13.91
C PHE C 144 -18.14 2.27 13.11
N SER C 145 -16.97 1.70 13.43
CA SER C 145 -16.46 0.62 12.60
C SER C 145 -17.20 -0.68 12.81
N GLY C 146 -18.03 -0.73 13.84
CA GLY C 146 -18.92 -1.86 14.06
C GLY C 146 -20.23 -1.72 13.31
N ARG C 147 -20.32 -0.74 12.42
CA ARG C 147 -21.53 -0.59 11.62
C ARG C 147 -21.23 -0.61 10.14
N TRP C 148 -22.16 -1.19 9.39
CA TRP C 148 -21.94 -1.50 7.98
C TRP C 148 -23.04 -1.00 7.09
N VAL C 149 -22.70 -0.87 5.80
CA VAL C 149 -23.65 -0.48 4.75
C VAL C 149 -23.76 -1.65 3.78
N ILE C 150 -24.99 -2.04 3.48
CA ILE C 150 -25.25 -3.19 2.59
C ILE C 150 -26.04 -2.70 1.38
N GLU C 151 -25.45 -2.74 0.18
CA GLU C 151 -26.12 -2.20 -1.02
C GLU C 151 -26.22 -3.31 -2.05
N LYS C 152 -27.37 -3.42 -2.72
CA LYS C 152 -27.60 -4.42 -3.79
C LYS C 152 -26.64 -4.38 -4.99
N ASN D 23 -8.00 24.91 -3.11
CA ASN D 23 -9.49 24.73 -2.99
C ASN D 23 -9.85 23.26 -2.85
N TYR D 24 -10.53 22.98 -1.75
CA TYR D 24 -10.67 21.63 -1.22
C TYR D 24 -12.06 21.33 -0.77
N ILE D 25 -12.41 20.06 -0.84
CA ILE D 25 -13.53 19.55 -0.08
C ILE D 25 -12.93 18.86 1.13
N ILE D 26 -13.69 18.86 2.22
CA ILE D 26 -13.25 18.33 3.51
C ILE D 26 -14.35 17.46 4.01
N TYR D 27 -14.08 16.16 4.12
CA TYR D 27 -15.11 15.26 4.57
C TYR D 27 -14.62 14.26 5.61
N ASN D 28 -15.57 13.70 6.35
CA ASN D 28 -15.23 12.89 7.51
C ASN D 28 -14.86 11.50 7.09
N ARG D 29 -14.02 10.82 7.88
CA ARG D 29 -13.77 9.41 7.65
C ARG D 29 -15.01 8.56 7.89
N VAL D 30 -15.97 9.05 8.69
CA VAL D 30 -17.15 8.26 8.99
C VAL D 30 -18.29 8.70 8.08
N LEU D 31 -18.84 7.72 7.35
CA LEU D 31 -19.98 7.92 6.47
C LEU D 31 -21.28 8.06 7.26
N SER D 32 -22.29 8.67 6.62
CA SER D 32 -23.63 8.63 7.16
C SER D 32 -24.10 7.18 7.29
N PRO D 33 -25.17 6.93 8.09
CA PRO D 33 -25.63 5.56 8.20
C PRO D 33 -25.99 4.90 6.86
N ARG D 34 -26.29 5.70 5.85
CA ARG D 34 -26.64 5.16 4.54
C ARG D 34 -25.44 5.16 3.57
N GLY D 35 -24.24 5.49 4.06
CA GLY D 35 -23.05 5.35 3.23
C GLY D 35 -22.61 6.58 2.47
N GLU D 36 -23.12 7.74 2.83
CA GLU D 36 -22.71 8.95 2.14
C GLU D 36 -21.50 9.59 2.81
N LYS D 37 -20.57 10.09 2.01
CA LYS D 37 -19.49 10.94 2.49
C LYS D 37 -20.03 12.26 3.01
N LEU D 38 -19.59 12.67 4.19
CA LEU D 38 -20.17 13.81 4.88
C LEU D 38 -19.19 14.97 4.81
N ALA D 39 -19.51 15.96 3.96
CA ALA D 39 -18.61 17.04 3.62
C ALA D 39 -18.98 18.33 4.35
N LEU D 40 -17.94 19.06 4.75
CA LEU D 40 -18.06 20.29 5.46
C LEU D 40 -18.81 21.26 4.58
N THR D 41 -19.84 21.91 5.16
CA THR D 41 -20.80 22.65 4.40
C THR D 41 -21.02 24.03 5.01
N TYR D 42 -20.84 25.04 4.18
CA TYR D 42 -21.12 26.45 4.56
C TYR D 42 -22.62 26.66 4.74
N PRO D 43 -23.08 27.14 5.92
CA PRO D 43 -24.53 27.29 6.08
C PRO D 43 -25.15 28.51 5.38
N GLY D 44 -24.35 29.32 4.65
CA GLY D 44 -24.87 30.44 3.86
C GLY D 44 -24.54 31.83 4.40
N ARG D 45 -24.62 31.94 5.71
CA ARG D 45 -24.40 33.19 6.40
C ARG D 45 -23.31 33.01 7.42
N GLN D 46 -22.78 34.12 7.89
CA GLN D 46 -21.79 34.09 8.92
C GLN D 46 -22.43 33.83 10.29
N ARG D 47 -21.55 33.53 11.25
CA ARG D 47 -21.88 33.47 12.68
C ARG D 47 -22.82 32.29 13.03
N THR D 48 -22.97 31.38 12.08
CA THR D 48 -23.89 30.25 12.16
C THR D 48 -23.14 28.90 12.07
N PRO D 49 -23.62 27.88 12.80
CA PRO D 49 -22.79 26.64 12.85
C PRO D 49 -22.53 25.94 11.51
N VAL D 50 -21.28 25.58 11.28
CA VAL D 50 -20.93 24.83 10.09
C VAL D 50 -21.30 23.36 10.32
N THR D 51 -21.89 22.75 9.30
CA THR D 51 -22.40 21.40 9.40
C THR D 51 -21.71 20.49 8.39
N VAL D 52 -22.11 19.22 8.37
CA VAL D 52 -21.74 18.33 7.26
C VAL D 52 -22.97 17.86 6.56
N SER D 53 -22.84 17.63 5.25
CA SER D 53 -23.93 17.09 4.47
C SER D 53 -23.35 16.19 3.38
N PRO D 54 -24.20 15.30 2.81
CA PRO D 54 -23.71 14.38 1.78
C PRO D 54 -23.00 15.10 0.65
N LEU D 55 -21.89 14.53 0.25
CA LEU D 55 -21.06 15.12 -0.78
C LEU D 55 -21.91 15.25 -2.03
N ASP D 56 -21.97 16.45 -2.58
CA ASP D 56 -22.78 16.67 -3.79
C ASP D 56 -22.20 17.64 -4.79
N GLY D 57 -20.97 18.13 -4.55
CA GLY D 57 -20.32 19.02 -5.50
C GLY D 57 -20.80 20.46 -5.48
N SER D 58 -21.63 20.83 -4.50
CA SER D 58 -22.10 22.21 -4.42
C SER D 58 -20.96 23.14 -3.92
N SER D 59 -21.07 24.43 -4.25
CA SER D 59 -20.05 25.40 -3.86
C SER D 59 -20.00 25.57 -2.36
N GLU D 60 -21.11 25.28 -1.66
CA GLU D 60 -21.13 25.37 -0.20
C GLU D 60 -20.17 24.33 0.44
N GLN D 61 -19.79 23.33 -0.33
CA GLN D 61 -18.84 22.30 0.14
C GLN D 61 -17.40 22.58 -0.28
N ALA D 62 -17.15 23.72 -0.94
CA ALA D 62 -15.81 24.04 -1.39
C ALA D 62 -15.19 25.11 -0.50
N TRP D 63 -13.93 24.87 -0.11
CA TRP D 63 -13.24 25.70 0.87
C TRP D 63 -11.84 26.09 0.40
N ILE D 64 -11.43 27.30 0.77
CA ILE D 64 -10.11 27.81 0.41
C ILE D 64 -9.21 27.70 1.63
N LEU D 65 -8.08 27.01 1.45
CA LEU D 65 -7.04 26.89 2.49
C LEU D 65 -5.86 27.80 2.14
N ARG D 66 -5.46 28.63 3.10
CA ARG D 66 -4.29 29.50 2.95
C ARG D 66 -3.33 29.24 4.10
N SER D 67 -2.05 29.02 3.78
CA SER D 67 -1.06 28.74 4.81
C SER D 67 -0.92 29.98 5.65
N TYR D 68 -0.94 29.84 6.97
CA TYR D 68 -0.72 30.98 7.83
C TYR D 68 0.70 30.94 8.39
N ASP D 69 1.10 29.81 8.95
CA ASP D 69 2.44 29.65 9.56
C ASP D 69 3.02 28.32 9.10
N SER D 70 3.98 28.33 8.18
CA SER D 70 4.48 27.07 7.65
C SER D 70 5.02 26.14 8.76
N ASN D 71 5.75 26.71 9.71
CA ASN D 71 6.41 25.90 10.75
C ASN D 71 5.39 25.24 11.71
N SER D 72 4.22 25.87 11.85
CA SER D 72 3.26 25.45 12.85
C SER D 72 2.16 24.64 12.19
N ASN D 73 2.17 24.57 10.86
CA ASN D 73 1.16 23.83 10.12
C ASN D 73 -0.24 24.39 10.38
N THR D 74 -0.36 25.72 10.41
CA THR D 74 -1.64 26.38 10.62
C THR D 74 -2.11 27.02 9.32
N TRP D 75 -3.44 27.08 9.19
CA TRP D 75 -4.11 27.46 7.95
C TRP D 75 -5.38 28.24 8.25
N THR D 76 -5.78 29.17 7.38
CA THR D 76 -7.11 29.73 7.41
C THR D 76 -7.95 28.93 6.44
N ILE D 77 -9.24 28.85 6.72
CA ILE D 77 -10.20 28.13 5.90
C ILE D 77 -11.38 29.05 5.60
N SER D 78 -11.63 29.31 4.30
CA SER D 78 -12.67 30.25 3.88
C SER D 78 -13.66 29.62 2.89
N PRO D 79 -14.96 29.93 3.00
CA PRO D 79 -15.87 29.33 2.00
C PRO D 79 -15.71 30.01 0.67
N VAL D 80 -15.82 29.28 -0.44
CA VAL D 80 -15.70 29.94 -1.75
C VAL D 80 -16.82 30.97 -1.96
N GLY D 81 -17.98 30.74 -1.34
CA GLY D 81 -19.12 31.66 -1.40
C GLY D 81 -18.99 32.92 -0.56
N SER D 82 -17.85 33.07 0.11
CA SER D 82 -17.54 34.31 0.85
C SER D 82 -16.05 34.27 1.17
N PRO D 83 -15.21 34.41 0.12
CA PRO D 83 -13.83 33.97 0.24
C PRO D 83 -12.95 34.78 1.19
N ASN D 84 -13.45 35.90 1.69
CA ASN D 84 -12.65 36.64 2.64
C ASN D 84 -12.96 36.29 4.09
N SER D 85 -14.05 35.56 4.32
CA SER D 85 -14.41 35.16 5.66
C SER D 85 -13.60 33.94 6.04
N GLN D 86 -13.53 33.67 7.33
CA GLN D 86 -12.73 32.56 7.86
C GLN D 86 -13.52 31.77 8.86
N ILE D 87 -13.27 30.45 8.89
CA ILE D 87 -13.87 29.63 9.91
C ILE D 87 -13.19 29.95 11.24
N GLY D 88 -14.03 30.27 12.22
CA GLY D 88 -13.57 30.50 13.59
C GLY D 88 -14.26 29.59 14.59
N TRP D 89 -13.91 29.77 15.85
CA TRP D 89 -14.41 28.92 16.91
C TRP D 89 -15.67 29.58 17.50
N GLY D 90 -16.83 28.95 17.29
CA GLY D 90 -18.09 29.49 17.78
C GLY D 90 -18.36 29.13 19.22
N ALA D 91 -19.17 29.93 19.88
CA ALA D 91 -19.70 29.57 21.19
C ALA D 91 -20.49 28.27 21.11
N GLY D 92 -20.40 27.46 22.16
CA GLY D 92 -21.02 26.15 22.18
C GLY D 92 -20.15 25.14 21.44
N ASN D 93 -18.91 25.52 21.16
CA ASN D 93 -17.91 24.63 20.55
C ASN D 93 -18.30 24.01 19.22
N VAL D 94 -18.63 24.88 18.27
CA VAL D 94 -18.87 24.49 16.89
C VAL D 94 -18.22 25.53 16.02
N PRO D 95 -17.82 25.16 14.80
CA PRO D 95 -17.20 26.19 13.99
C PRO D 95 -18.27 27.12 13.38
N VAL D 96 -17.90 28.37 13.21
CA VAL D 96 -18.76 29.37 12.51
C VAL D 96 -17.89 30.20 11.59
N VAL D 97 -18.47 30.73 10.53
CA VAL D 97 -17.73 31.61 9.62
C VAL D 97 -17.86 33.07 10.06
N LEU D 98 -16.72 33.76 10.10
CA LEU D 98 -16.61 35.08 10.68
C LEU D 98 -15.87 36.04 9.78
N PRO D 99 -16.11 37.36 9.97
CA PRO D 99 -15.23 38.31 9.30
C PRO D 99 -13.77 37.98 9.65
N PRO D 100 -12.83 38.21 8.71
CA PRO D 100 -11.45 37.72 8.99
C PRO D 100 -10.78 38.36 10.21
N ASN D 101 -10.01 37.56 10.92
CA ASN D 101 -9.21 38.05 12.02
C ASN D 101 -8.12 37.02 12.39
N ASN D 102 -7.49 36.44 11.39
CA ASN D 102 -6.43 35.48 11.61
C ASN D 102 -6.89 34.27 12.43
N TYR D 103 -8.08 33.77 12.14
CA TYR D 103 -8.55 32.55 12.77
C TYR D 103 -7.86 31.41 12.03
N VAL D 104 -7.09 30.61 12.76
CA VAL D 104 -6.33 29.54 12.12
C VAL D 104 -6.58 28.20 12.79
N TRP D 105 -6.31 27.16 12.02
CA TRP D 105 -6.44 25.75 12.44
C TRP D 105 -5.19 24.96 12.05
N THR D 106 -4.82 24.04 12.93
CA THR D 106 -3.70 23.13 12.66
C THR D 106 -4.26 21.95 11.89
N LEU D 107 -3.66 21.66 10.74
CA LEU D 107 -4.09 20.55 9.89
C LEU D 107 -2.99 19.48 9.88
N THR D 108 -3.06 18.54 10.81
CA THR D 108 -2.01 17.54 10.95
C THR D 108 -2.37 16.25 10.22
N LEU D 109 -1.52 15.80 9.32
CA LEU D 109 -1.78 14.52 8.65
C LEU D 109 -1.24 13.42 9.52
N THR D 110 -2.14 12.61 10.08
CA THR D 110 -1.75 11.42 10.85
C THR D 110 -1.91 10.16 10.00
N SER D 111 -1.46 9.02 10.52
CA SER D 111 -1.67 7.76 9.82
C SER D 111 -3.16 7.45 9.65
N GLY D 112 -4.01 8.06 10.48
CA GLY D 112 -5.46 7.88 10.38
C GLY D 112 -6.22 8.97 9.62
N GLY D 113 -5.50 9.88 8.95
CA GLY D 113 -6.12 11.02 8.25
C GLY D 113 -5.83 12.34 8.97
N TYR D 114 -6.53 13.40 8.55
CA TYR D 114 -6.25 14.74 9.07
C TYR D 114 -6.90 14.92 10.40
N ASN D 115 -6.11 15.40 11.34
CA ASN D 115 -6.61 15.88 12.62
C ASN D 115 -6.70 17.42 12.53
N ILE D 116 -7.91 17.96 12.60
CA ILE D 116 -8.13 19.42 12.48
C ILE D 116 -8.28 20.00 13.88
N GLN D 117 -7.30 20.79 14.31
CA GLN D 117 -7.26 21.31 15.67
C GLN D 117 -7.13 22.82 15.68
N ASP D 118 -7.31 23.40 16.86
CA ASP D 118 -7.00 24.80 17.08
C ASP D 118 -5.51 25.02 16.94
N GLY D 119 -5.12 26.29 16.94
CA GLY D 119 -3.73 26.66 16.83
C GLY D 119 -2.89 26.14 17.97
N LYS D 120 -3.50 25.99 19.14
CA LYS D 120 -2.79 25.49 20.33
C LYS D 120 -2.87 23.96 20.51
N ARG D 121 -3.53 23.27 19.58
CA ARG D 121 -3.66 21.80 19.60
C ARG D 121 -4.30 21.31 20.93
N THR D 122 -5.36 21.97 21.35
CA THR D 122 -6.09 21.65 22.57
C THR D 122 -7.34 20.84 22.25
N VAL D 123 -7.85 21.02 21.05
CA VAL D 123 -9.15 20.47 20.66
C VAL D 123 -9.13 20.08 19.20
N SER D 124 -10.08 19.22 18.83
CA SER D 124 -10.19 18.69 17.48
C SER D 124 -11.61 18.79 16.97
N TRP D 125 -11.77 18.88 15.67
CA TRP D 125 -13.08 18.73 15.09
C TRP D 125 -13.48 17.27 14.99
N SER D 126 -14.74 16.97 15.30
CA SER D 126 -15.24 15.65 15.07
C SER D 126 -16.71 15.71 14.85
N LEU D 127 -17.31 14.55 14.64
CA LEU D 127 -18.75 14.42 14.55
C LEU D 127 -19.20 13.48 15.64
N ASN D 128 -20.28 13.84 16.32
CA ASN D 128 -20.79 12.97 17.38
C ASN D 128 -21.45 11.70 16.86
N ASN D 129 -22.34 11.83 15.89
CA ASN D 129 -23.06 10.69 15.34
C ASN D 129 -22.80 10.44 13.87
N ALA D 130 -22.15 11.38 13.20
CA ALA D 130 -21.86 11.30 11.76
C ALA D 130 -23.12 11.11 10.96
N THR D 131 -24.02 12.09 11.06
CA THR D 131 -25.27 12.09 10.31
C THR D 131 -25.42 13.33 9.44
N ALA D 132 -26.18 13.19 8.37
CA ALA D 132 -26.44 14.33 7.48
C ALA D 132 -27.02 15.52 8.26
N GLY D 133 -26.41 16.70 8.06
CA GLY D 133 -26.89 17.93 8.68
C GLY D 133 -26.33 18.16 10.08
N GLU D 134 -25.48 17.25 10.60
CA GLU D 134 -24.92 17.41 11.94
C GLU D 134 -23.95 18.59 12.01
N GLU D 135 -23.99 19.33 13.12
CA GLU D 135 -22.97 20.36 13.39
C GLU D 135 -21.63 19.68 13.71
N VAL D 136 -20.54 20.26 13.24
CA VAL D 136 -19.23 19.85 13.62
C VAL D 136 -18.97 20.21 15.08
N SER D 137 -18.41 19.26 15.84
CA SER D 137 -18.07 19.52 17.23
C SER D 137 -16.61 19.88 17.35
N ILE D 138 -16.31 20.86 18.21
CA ILE D 138 -14.93 21.21 18.53
C ILE D 138 -14.67 20.75 19.96
N GLY D 139 -13.78 19.77 20.13
CA GLY D 139 -13.51 19.28 21.45
C GLY D 139 -12.65 18.03 21.39
N ALA D 140 -13.15 16.98 22.02
CA ALA D 140 -12.36 15.73 22.17
C ALA D 140 -12.08 15.10 20.82
N ASP D 141 -10.90 14.49 20.73
CA ASP D 141 -10.50 13.80 19.52
C ASP D 141 -11.14 12.43 19.43
N ALA D 142 -12.16 12.27 18.62
CA ALA D 142 -12.89 11.01 18.62
C ALA D 142 -12.32 10.03 17.63
N THR D 143 -12.29 8.75 18.01
CA THR D 143 -11.79 7.75 17.11
C THR D 143 -12.72 7.75 15.89
N PHE D 144 -12.06 7.80 14.73
CA PHE D 144 -12.66 7.75 13.43
C PHE D 144 -13.34 9.09 13.03
N SER D 145 -14.36 9.54 13.76
CA SER D 145 -15.05 10.78 13.36
C SER D 145 -14.21 12.02 13.64
N GLY D 146 -13.12 11.87 14.37
CA GLY D 146 -12.17 12.96 14.54
C GLY D 146 -11.12 13.00 13.46
N ARG D 147 -11.31 12.23 12.39
CA ARG D 147 -10.36 12.27 11.28
C ARG D 147 -11.03 12.59 9.98
N TRP D 148 -10.31 13.35 9.16
CA TRP D 148 -10.87 13.95 7.97
C TRP D 148 -10.04 13.70 6.73
N VAL D 149 -10.71 13.80 5.59
CA VAL D 149 -10.09 13.64 4.27
C VAL D 149 -10.18 14.98 3.55
N ILE D 150 -9.07 15.43 3.00
CA ILE D 150 -9.01 16.75 2.36
C ILE D 150 -8.57 16.55 0.91
N GLU D 151 -9.46 16.83 -0.05
CA GLU D 151 -9.19 16.58 -1.47
C GLU D 151 -9.33 17.86 -2.29
N LYS D 152 -8.39 18.09 -3.22
CA LYS D 152 -8.39 19.17 -4.22
C LYS D 152 -9.25 18.75 -5.40
#